data_3KFO
#
_entry.id   3KFO
#
_cell.length_a   47.433
_cell.length_b   52.678
_cell.length_c   76.674
_cell.angle_alpha   90.000
_cell.angle_beta   90.000
_cell.angle_gamma   90.000
#
_symmetry.space_group_name_H-M   'P 21 21 21'
#
loop_
_entity.id
_entity.type
_entity.pdbx_description
1 polymer 'Nucleoporin NUP133'
2 non-polymer GLYCEROL
3 water water
#
_entity_poly.entity_id   1
_entity_poly.type   'polypeptide(L)'
_entity_poly.pdbx_seq_one_letter_code
;(MSE)SLKYGHVAWIQQILDGSYADA(MSE)NTLKNITVDDSKKGESLSECELHLNVAKLSSLLVEKDNLDINTLRKIQY
NLDTIDAEKNISNKLKKGEVQICKRFKNGSIREVFNILVEELKSTTVVNLSDLVELYS(MSE)LDDEESLFIPLRLLSVD
GNLLNFEVKKFLNALVWRRIVLLNASNEGDKLLQHIVKRVFDEELPKNNDFPLPSVDLLCDKSLLTPEYISETYGRFPID
QNAIREEIYEEISQVETLNSDNSLEIKLHSTIGSVAKEKNYTINYETNTVEYEGHHHHHH
;
_entity_poly.pdbx_strand_id   A
#
# COMPACT_ATOMS: atom_id res chain seq x y z
N LYS A 69 -1.48 -20.41 9.70
CA LYS A 69 -0.18 -20.13 8.98
C LYS A 69 0.51 -18.90 9.59
N ILE A 70 1.70 -19.09 10.11
CA ILE A 70 2.49 -18.00 10.76
C ILE A 70 2.56 -16.84 9.77
N GLN A 71 2.26 -15.62 10.20
CA GLN A 71 2.19 -14.49 9.26
C GLN A 71 3.29 -13.44 9.41
N TYR A 72 4.48 -13.87 9.82
CA TYR A 72 5.68 -13.06 9.85
C TYR A 72 6.91 -13.91 9.55
N ASN A 73 8.02 -13.25 9.28
CA ASN A 73 9.28 -13.96 9.04
C ASN A 73 10.40 -13.00 9.34
N LEU A 74 11.65 -13.37 9.06
CA LEU A 74 12.74 -12.47 9.38
C LEU A 74 12.66 -11.13 8.68
N ASP A 75 12.22 -11.13 7.43
CA ASP A 75 11.97 -9.93 6.64
C ASP A 75 11.02 -8.96 7.32
N THR A 76 9.87 -9.47 7.75
CA THR A 76 8.86 -8.57 8.37
C THR A 76 9.35 -8.11 9.74
N ILE A 77 10.06 -8.96 10.47
CA ILE A 77 10.64 -8.56 11.76
C ILE A 77 11.64 -7.38 11.55
N ASP A 78 12.45 -7.47 10.50
CA ASP A 78 13.39 -6.38 10.19
CA ASP A 78 13.39 -6.38 10.19
C ASP A 78 12.65 -5.07 9.87
N ALA A 79 11.59 -5.15 9.05
CA ALA A 79 10.76 -4.04 8.68
C ALA A 79 10.06 -3.45 9.90
N GLU A 80 9.67 -4.27 10.85
CA GLU A 80 8.99 -3.81 12.07
C GLU A 80 9.96 -3.01 12.93
N LYS A 81 11.14 -3.57 13.05
CA LYS A 81 12.24 -2.92 13.80
C LYS A 81 12.59 -1.57 13.24
N ASN A 82 12.70 -1.48 11.92
CA ASN A 82 13.03 -0.25 11.25
C ASN A 82 11.96 0.82 11.50
N ILE A 83 10.68 0.49 11.31
CA ILE A 83 9.62 1.47 11.49
C ILE A 83 9.41 1.86 12.95
N SER A 84 9.62 0.91 13.86
CA SER A 84 9.60 1.21 15.30
C SER A 84 10.70 2.18 15.66
N ASN A 85 11.91 1.98 15.16
CA ASN A 85 13.01 2.88 15.44
C ASN A 85 12.71 4.29 14.88
N LYS A 86 12.17 4.36 13.66
CA LYS A 86 11.86 5.66 13.04
C LYS A 86 10.74 6.37 13.78
N LEU A 87 9.74 5.62 14.20
CA LEU A 87 8.68 6.23 14.94
C LEU A 87 9.17 6.82 16.27
N LYS A 88 9.99 6.06 17.01
CA LYS A 88 10.56 6.53 18.30
C LYS A 88 11.43 7.76 18.12
N LYS A 89 11.97 7.93 16.92
CA LYS A 89 12.87 9.05 16.64
C LYS A 89 12.11 10.21 16.01
N GLY A 90 10.82 9.99 15.78
CA GLY A 90 9.99 10.96 15.13
C GLY A 90 10.44 11.20 13.69
N GLU A 91 11.00 10.20 13.04
CA GLU A 91 11.43 10.37 11.67
C GLU A 91 10.37 10.11 10.63
N VAL A 92 9.29 9.47 11.03
CA VAL A 92 8.11 9.27 10.19
C VAL A 92 6.91 9.73 10.99
N GLN A 93 5.83 10.01 10.26
CA GLN A 93 4.63 10.49 10.88
C GLN A 93 3.41 10.10 10.05
N ILE A 94 2.29 10.04 10.74
CA ILE A 94 0.99 9.80 10.13
C ILE A 94 0.64 10.87 9.15
N CYS A 95 0.08 10.44 8.04
CA CYS A 95 -0.40 11.33 7.04
C CYS A 95 -1.63 12.11 7.58
N LYS A 96 -1.67 13.40 7.30
CA LYS A 96 -2.81 14.28 7.72
C LYS A 96 -4.21 13.68 7.52
N ARG A 97 -4.39 12.90 6.45
CA ARG A 97 -5.67 12.22 6.22
CA ARG A 97 -5.61 12.11 6.18
C ARG A 97 -6.12 11.27 7.36
N PHE A 98 -5.20 10.68 8.10
CA PHE A 98 -5.59 9.71 9.14
C PHE A 98 -5.43 10.19 10.59
N LYS A 99 -5.34 11.50 10.80
CA LYS A 99 -5.03 12.07 12.12
C LYS A 99 -6.17 11.97 13.13
N ASN A 100 -7.41 11.89 12.66
CA ASN A 100 -8.56 11.73 13.59
C ASN A 100 -9.48 10.55 13.29
N GLY A 101 -10.40 10.29 14.21
CA GLY A 101 -11.47 9.35 13.92
C GLY A 101 -11.12 7.91 14.18
N SER A 102 -11.91 7.01 13.64
CA SER A 102 -11.66 5.62 13.88
C SER A 102 -10.38 5.15 13.21
N ILE A 103 -10.06 5.73 12.06
CA ILE A 103 -8.84 5.33 11.36
C ILE A 103 -7.58 5.73 12.15
N ARG A 104 -7.64 6.85 12.87
CA ARG A 104 -6.58 7.20 13.78
C ARG A 104 -6.38 6.18 14.89
N GLU A 105 -7.49 5.63 15.39
CA GLU A 105 -7.40 4.66 16.46
C GLU A 105 -6.76 3.39 15.91
N VAL A 106 -7.04 3.04 14.69
CA VAL A 106 -6.33 1.92 14.08
C VAL A 106 -4.80 2.17 14.16
N PHE A 107 -4.39 3.33 13.68
CA PHE A 107 -2.99 3.70 13.71
C PHE A 107 -2.44 3.58 15.09
N ASN A 108 -3.17 4.15 16.05
CA ASN A 108 -2.71 4.19 17.43
C ASN A 108 -2.52 2.79 17.98
N ILE A 109 -3.45 1.88 17.68
CA ILE A 109 -3.43 0.49 18.14
C ILE A 109 -2.23 -0.25 17.49
N LEU A 110 -2.00 0.00 16.22
CA LEU A 110 -0.92 -0.69 15.50
C LEU A 110 0.40 -0.22 16.06
N VAL A 111 0.52 1.06 16.38
CA VAL A 111 1.73 1.57 17.01
C VAL A 111 2.01 0.91 18.39
N GLU A 112 0.98 0.63 19.16
CA GLU A 112 1.16 -0.16 20.38
C GLU A 112 1.52 -1.63 20.10
N GLU A 113 0.95 -2.26 19.07
CA GLU A 113 1.42 -3.62 18.71
C GLU A 113 2.94 -3.56 18.36
N LEU A 114 3.35 -2.50 17.63
CA LEU A 114 4.79 -2.29 17.33
C LEU A 114 5.64 -2.33 18.58
N LYS A 115 5.19 -1.61 19.58
CA LYS A 115 5.96 -1.42 20.78
C LYS A 115 5.93 -2.65 21.68
N SER A 116 4.91 -3.49 21.51
CA SER A 116 4.73 -4.67 22.35
C SER A 116 5.76 -5.73 21.98
N THR A 117 5.92 -6.72 22.85
CA THR A 117 6.85 -7.85 22.63
C THR A 117 6.36 -8.81 21.55
N THR A 118 5.08 -8.78 21.22
CA THR A 118 4.51 -9.63 20.17
C THR A 118 4.87 -9.14 18.77
N VAL A 119 5.34 -10.08 17.93
CA VAL A 119 5.70 -9.71 16.57
C VAL A 119 4.43 -9.31 15.81
N VAL A 120 4.56 -8.33 14.92
CA VAL A 120 3.44 -7.81 14.18
C VAL A 120 3.29 -8.67 12.92
N ASN A 121 2.06 -9.11 12.66
CA ASN A 121 1.75 -9.86 11.47
C ASN A 121 1.93 -8.94 10.27
N LEU A 122 2.32 -9.53 9.16
CA LEU A 122 2.57 -8.74 7.96
C LEU A 122 1.36 -7.87 7.58
N SER A 123 0.13 -8.35 7.72
CA SER A 123 -1.04 -7.57 7.27
C SER A 123 -1.15 -6.25 8.07
N ASP A 124 -0.87 -6.33 9.38
CA ASP A 124 -0.93 -5.20 10.29
C ASP A 124 0.26 -4.26 10.02
N LEU A 125 1.41 -4.84 9.74
CA LEU A 125 2.59 -4.02 9.44
C LEU A 125 2.37 -3.22 8.15
N VAL A 126 1.83 -3.88 7.12
CA VAL A 126 1.57 -3.20 5.88
C VAL A 126 0.58 -2.06 6.11
N GLU A 127 -0.46 -2.30 6.90
CA GLU A 127 -1.42 -1.24 7.13
C GLU A 127 -0.85 -0.04 7.83
N LEU A 128 0.01 -0.26 8.79
CA LEU A 128 0.66 0.81 9.48
C LEU A 128 1.56 1.60 8.58
N TYR A 129 2.43 0.93 7.83
CA TYR A 129 3.28 1.65 6.87
C TYR A 129 2.45 2.53 5.93
N SER A 130 1.29 2.01 5.49
CA SER A 130 0.50 2.67 4.46
C SER A 130 -0.16 3.97 4.93
N LEU A 132 1.56 6.28 6.71
CA LEU A 132 2.64 7.27 6.90
C LEU A 132 2.71 8.24 5.70
N ASP A 133 3.54 9.25 5.83
CA ASP A 133 3.48 10.31 4.86
C ASP A 133 4.74 10.57 4.05
N ASP A 134 5.66 9.60 4.03
CA ASP A 134 6.85 9.71 3.25
C ASP A 134 6.99 8.59 2.24
N GLU A 135 7.76 8.90 1.19
CA GLU A 135 7.96 8.00 0.08
C GLU A 135 8.57 6.61 0.46
N GLU A 136 9.58 6.58 1.32
CA GLU A 136 10.18 5.33 1.69
C GLU A 136 9.16 4.45 2.40
N SER A 137 8.41 5.04 3.32
CA SER A 137 7.42 4.29 4.12
C SER A 137 6.33 3.72 3.28
N LEU A 138 5.95 4.39 2.21
CA LEU A 138 4.95 3.82 1.34
C LEU A 138 5.50 2.78 0.34
N PHE A 139 6.79 2.85 0.07
CA PHE A 139 7.38 1.84 -0.83
C PHE A 139 7.55 0.53 -0.06
N ILE A 140 7.94 0.61 1.20
CA ILE A 140 8.29 -0.61 1.96
C ILE A 140 7.17 -1.67 1.92
N PRO A 141 5.90 -1.27 2.13
CA PRO A 141 4.84 -2.28 2.03
C PRO A 141 4.65 -2.94 0.66
N LEU A 142 4.95 -2.23 -0.45
CA LEU A 142 4.95 -2.89 -1.78
C LEU A 142 6.02 -3.98 -1.87
N ARG A 143 7.18 -3.68 -1.30
CA ARG A 143 8.25 -4.66 -1.24
C ARG A 143 7.84 -5.86 -0.38
N LEU A 144 7.35 -5.59 0.83
CA LEU A 144 6.90 -6.67 1.72
C LEU A 144 5.83 -7.55 1.07
N LEU A 145 4.88 -6.96 0.36
CA LEU A 145 3.83 -7.76 -0.28
C LEU A 145 4.40 -8.59 -1.42
N SER A 146 5.38 -8.05 -2.12
CA SER A 146 6.04 -8.71 -3.25
C SER A 146 6.93 -9.83 -2.77
N VAL A 147 7.76 -9.56 -1.77
CA VAL A 147 8.73 -10.52 -1.31
C VAL A 147 8.18 -11.52 -0.30
N ASP A 148 7.34 -11.05 0.61
CA ASP A 148 6.79 -11.89 1.68
C ASP A 148 5.31 -12.14 1.57
N GLY A 149 4.75 -11.84 0.42
CA GLY A 149 3.33 -12.04 0.19
C GLY A 149 2.81 -13.49 0.31
N ASN A 150 3.69 -14.48 0.27
CA ASN A 150 3.35 -15.89 0.58
C ASN A 150 2.88 -16.12 2.03
N LEU A 151 3.16 -15.18 2.92
CA LEU A 151 2.59 -15.21 4.26
C LEU A 151 1.07 -14.95 4.25
N LEU A 152 0.52 -14.42 3.17
CA LEU A 152 -0.87 -14.02 3.18
C LEU A 152 -1.71 -14.84 2.23
N ASN A 153 -3.01 -14.95 2.49
CA ASN A 153 -3.92 -15.46 1.44
C ASN A 153 -4.12 -14.43 0.36
N PHE A 154 -4.37 -14.90 -0.87
CA PHE A 154 -4.52 -14.03 -2.01
C PHE A 154 -5.49 -12.88 -1.84
N GLU A 155 -6.64 -13.10 -1.21
CA GLU A 155 -7.65 -12.04 -1.00
C GLU A 155 -7.11 -10.87 -0.14
N VAL A 156 -6.34 -11.23 0.89
CA VAL A 156 -5.77 -10.25 1.83
C VAL A 156 -4.65 -9.54 1.10
N LYS A 157 -3.81 -10.27 0.37
CA LYS A 157 -2.80 -9.60 -0.48
C LYS A 157 -3.37 -8.60 -1.53
N LYS A 158 -4.41 -9.02 -2.25
CA LYS A 158 -5.09 -8.14 -3.18
C LYS A 158 -5.60 -6.87 -2.49
N PHE A 159 -6.34 -7.05 -1.39
CA PHE A 159 -6.93 -5.89 -0.68
C PHE A 159 -5.80 -4.91 -0.23
N LEU A 160 -4.78 -5.49 0.35
CA LEU A 160 -3.64 -4.71 0.83
C LEU A 160 -2.85 -3.99 -0.25
N ASN A 161 -2.71 -4.62 -1.40
CA ASN A 161 -2.02 -4.00 -2.50
C ASN A 161 -2.78 -2.80 -2.99
N ALA A 162 -4.09 -2.95 -3.09
CA ALA A 162 -4.97 -1.86 -3.49
C ALA A 162 -4.93 -0.77 -2.43
N LEU A 163 -4.89 -1.16 -1.17
CA LEU A 163 -4.92 -0.18 -0.02
C LEU A 163 -3.68 0.71 -0.10
N VAL A 164 -2.54 0.08 -0.28
CA VAL A 164 -1.26 0.82 -0.33
C VAL A 164 -1.19 1.70 -1.55
N TRP A 165 -1.48 1.16 -2.73
CA TRP A 165 -1.44 2.01 -3.94
C TRP A 165 -2.45 3.15 -3.88
N ARG A 166 -3.63 2.90 -3.33
CA ARG A 166 -4.60 3.97 -3.17
C ARG A 166 -4.05 5.14 -2.33
N ARG A 167 -3.34 4.79 -1.26
CA ARG A 167 -2.73 5.75 -0.36
C ARG A 167 -1.56 6.48 -0.98
N ILE A 168 -0.79 5.80 -1.83
CA ILE A 168 0.25 6.45 -2.65
C ILE A 168 -0.40 7.40 -3.65
N VAL A 169 -1.46 6.96 -4.31
CA VAL A 169 -2.14 7.87 -5.29
C VAL A 169 -2.69 9.12 -4.60
N LEU A 170 -3.29 8.97 -3.42
CA LEU A 170 -3.91 10.09 -2.72
C LEU A 170 -2.88 11.05 -2.17
N LEU A 171 -1.78 10.49 -1.67
CA LEU A 171 -0.66 11.36 -1.23
C LEU A 171 0.04 12.06 -2.42
N ASN A 172 0.23 11.34 -3.50
CA ASN A 172 0.84 11.90 -4.72
C ASN A 172 0.07 13.07 -5.25
N ALA A 173 -1.25 12.94 -5.12
CA ALA A 173 -2.18 13.98 -5.53
C ALA A 173 -2.06 15.27 -4.75
N SER A 174 -1.44 15.20 -3.55
CA SER A 174 -1.11 16.36 -2.73
C SER A 174 -0.07 17.35 -3.27
N ASN A 175 0.74 16.99 -4.23
CA ASN A 175 1.58 17.99 -4.94
C ASN A 175 1.46 17.88 -6.43
N GLU A 176 1.60 18.99 -7.16
CA GLU A 176 1.66 18.92 -8.60
C GLU A 176 2.91 18.23 -9.07
N GLY A 177 2.84 17.55 -10.21
CA GLY A 177 4.03 17.05 -10.88
C GLY A 177 4.25 15.54 -10.84
N ASP A 178 3.59 14.86 -9.89
CA ASP A 178 3.67 13.39 -9.72
C ASP A 178 4.98 12.81 -9.31
N LYS A 179 5.76 13.56 -8.56
CA LYS A 179 7.08 13.06 -8.11
C LYS A 179 7.05 11.86 -7.17
N LEU A 180 6.09 11.87 -6.26
CA LEU A 180 6.01 10.78 -5.29
C LEU A 180 5.73 9.45 -6.03
N LEU A 181 4.80 9.48 -6.99
CA LEU A 181 4.46 8.32 -7.78
C LEU A 181 5.66 7.86 -8.60
N GLN A 182 6.25 8.80 -9.32
CA GLN A 182 7.45 8.52 -10.13
C GLN A 182 8.55 7.91 -9.26
N HIS A 183 8.82 8.46 -8.08
CA HIS A 183 9.86 7.92 -7.17
C HIS A 183 9.58 6.51 -6.69
N ILE A 184 8.32 6.24 -6.35
CA ILE A 184 7.94 4.92 -5.94
C ILE A 184 8.00 3.89 -7.06
N VAL A 185 7.51 4.25 -8.27
CA VAL A 185 7.58 3.34 -9.38
C VAL A 185 9.05 3.05 -9.73
N LYS A 186 9.89 4.08 -9.73
CA LYS A 186 11.30 3.89 -10.02
C LYS A 186 11.90 2.90 -9.07
N ARG A 187 11.60 3.05 -7.77
CA ARG A 187 12.15 2.15 -6.74
C ARG A 187 11.70 0.72 -6.87
N VAL A 188 10.48 0.51 -7.29
CA VAL A 188 10.00 -0.83 -7.57
C VAL A 188 10.95 -1.53 -8.56
N PHE A 189 11.42 -0.78 -9.55
CA PHE A 189 12.32 -1.36 -10.59
C PHE A 189 13.73 -1.41 -10.07
N ASP A 190 14.18 -0.35 -9.42
CA ASP A 190 15.53 -0.32 -8.82
C ASP A 190 15.80 -1.43 -7.81
N GLU A 191 14.77 -1.91 -7.11
CA GLU A 191 14.95 -3.04 -6.18
C GLU A 191 14.58 -4.31 -6.84
N GLU A 192 14.33 -4.21 -8.14
CA GLU A 192 14.21 -5.35 -8.99
C GLU A 192 13.11 -6.23 -8.49
N LEU A 193 12.06 -5.62 -7.93
CA LEU A 193 10.94 -6.37 -7.35
C LEU A 193 10.33 -7.37 -8.33
N PRO A 194 10.13 -6.96 -9.61
CA PRO A 194 9.57 -7.94 -10.55
C PRO A 194 10.53 -9.09 -10.93
N LYS A 195 11.84 -8.93 -10.67
CA LYS A 195 12.85 -9.98 -10.99
C LYS A 195 12.63 -11.22 -10.16
N ASN A 196 12.27 -11.03 -8.89
CA ASN A 196 12.04 -12.10 -7.91
C ASN A 196 10.61 -12.63 -7.85
N ASN A 197 9.62 -11.80 -8.19
CA ASN A 197 8.29 -12.30 -8.51
C ASN A 197 7.57 -11.32 -9.41
N ASP A 198 6.77 -11.85 -10.34
CA ASP A 198 5.92 -10.99 -11.19
C ASP A 198 5.14 -10.05 -10.30
N PHE A 199 5.20 -8.77 -10.65
CA PHE A 199 4.82 -7.70 -9.75
C PHE A 199 3.51 -7.16 -10.25
N PRO A 200 2.45 -7.18 -9.41
CA PRO A 200 1.18 -6.64 -9.90
C PRO A 200 1.24 -5.12 -10.03
N LEU A 201 0.79 -4.58 -11.14
CA LEU A 201 0.84 -3.12 -11.25
C LEU A 201 -0.48 -2.59 -10.72
N PRO A 202 -0.49 -1.31 -10.30
CA PRO A 202 -1.76 -0.71 -9.90
C PRO A 202 -2.66 -0.52 -11.12
N SER A 203 -3.96 -0.56 -10.91
CA SER A 203 -4.89 -0.23 -11.99
C SER A 203 -6.03 0.45 -11.36
N VAL A 204 -6.73 1.27 -12.13
CA VAL A 204 -7.86 2.01 -11.59
C VAL A 204 -8.99 1.09 -11.22
N ASP A 205 -9.16 -0.02 -11.95
CA ASP A 205 -10.11 -1.04 -11.56
C ASP A 205 -9.80 -1.60 -10.18
N LEU A 206 -8.54 -1.93 -9.93
CA LEU A 206 -8.12 -2.44 -8.63
C LEU A 206 -8.36 -1.38 -7.54
N LEU A 207 -7.93 -0.16 -7.82
CA LEU A 207 -8.00 0.90 -6.82
C LEU A 207 -9.43 1.25 -6.45
N CYS A 208 -10.34 1.21 -7.43
CA CYS A 208 -11.72 1.59 -7.12
C CYS A 208 -12.61 0.39 -6.93
N ASP A 209 -12.05 -0.78 -6.73
CA ASP A 209 -12.91 -1.92 -6.49
C ASP A 209 -13.53 -1.81 -5.08
N LYS A 210 -14.66 -1.09 -4.98
CA LYS A 210 -15.42 -1.05 -3.70
C LYS A 210 -15.92 -2.42 -3.27
N SER A 211 -15.93 -3.40 -4.15
CA SER A 211 -16.47 -4.72 -3.80
C SER A 211 -15.47 -5.56 -3.03
N LEU A 212 -14.26 -5.07 -2.86
CA LEU A 212 -13.27 -5.76 -2.04
C LEU A 212 -13.57 -5.58 -0.52
N LEU A 213 -14.39 -4.57 -0.20
CA LEU A 213 -14.79 -4.31 1.21
C LEU A 213 -15.96 -5.19 1.64
N THR A 214 -15.68 -6.47 1.74
CA THR A 214 -16.69 -7.40 2.09
C THR A 214 -16.84 -7.39 3.59
N PRO A 215 -18.03 -7.68 4.09
CA PRO A 215 -18.13 -7.82 5.54
C PRO A 215 -17.23 -8.92 6.16
N GLU A 216 -16.90 -9.97 5.42
CA GLU A 216 -15.92 -10.95 5.94
C GLU A 216 -14.52 -10.38 6.12
N TYR A 217 -14.07 -9.62 5.10
CA TYR A 217 -12.74 -9.02 5.16
C TYR A 217 -12.66 -8.08 6.37
N ILE A 218 -13.65 -7.22 6.52
CA ILE A 218 -13.65 -6.19 7.56
C ILE A 218 -13.75 -6.78 8.97
N SER A 219 -14.66 -7.76 9.16
CA SER A 219 -14.75 -8.44 10.47
C SER A 219 -13.43 -9.14 10.81
N GLU A 220 -12.86 -9.86 9.85
CA GLU A 220 -11.60 -10.55 10.04
C GLU A 220 -10.44 -9.63 10.32
N THR A 221 -10.28 -8.61 9.47
CA THR A 221 -9.16 -7.66 9.61
C THR A 221 -9.27 -6.80 10.87
N TYR A 222 -10.43 -6.20 11.10
CA TYR A 222 -10.54 -5.19 12.16
C TYR A 222 -11.32 -5.62 13.40
N GLY A 223 -11.97 -6.79 13.32
CA GLY A 223 -12.82 -7.31 14.38
C GLY A 223 -12.27 -7.27 15.78
N ARG A 224 -10.97 -7.57 15.90
CA ARG A 224 -10.30 -7.57 17.19
C ARG A 224 -9.83 -6.21 17.75
N PHE A 225 -10.06 -5.13 17.00
CA PHE A 225 -9.73 -3.80 17.48
C PHE A 225 -10.95 -3.21 18.17
N PRO A 226 -10.73 -2.38 19.22
CA PRO A 226 -11.81 -1.64 19.90
C PRO A 226 -12.22 -0.46 19.10
N ILE A 227 -12.74 -0.76 17.92
CA ILE A 227 -13.15 0.24 16.96
C ILE A 227 -14.42 -0.19 16.23
N ASP A 228 -15.22 0.79 15.85
CA ASP A 228 -16.40 0.47 15.03
C ASP A 228 -15.94 0.03 13.64
N GLN A 229 -16.14 -1.23 13.29
CA GLN A 229 -15.68 -1.73 12.00
C GLN A 229 -16.35 -1.04 10.82
N ASN A 230 -17.57 -0.60 11.03
CA ASN A 230 -18.25 0.05 9.98
C ASN A 230 -17.69 1.44 9.71
N ALA A 231 -17.14 2.09 10.73
CA ALA A 231 -16.52 3.37 10.53
C ALA A 231 -15.20 3.25 9.75
N ILE A 232 -14.48 2.14 9.95
CA ILE A 232 -13.32 1.74 9.15
C ILE A 232 -13.71 1.51 7.69
N ARG A 233 -14.77 0.74 7.47
CA ARG A 233 -15.31 0.51 6.14
C ARG A 233 -15.66 1.81 5.42
N GLU A 234 -16.32 2.71 6.14
CA GLU A 234 -16.70 3.97 5.55
C GLU A 234 -15.50 4.86 5.18
N GLU A 235 -14.48 4.84 6.00
CA GLU A 235 -13.26 5.62 5.70
C GLU A 235 -12.56 5.06 4.48
N ILE A 236 -12.52 3.74 4.34
CA ILE A 236 -11.89 3.13 3.14
C ILE A 236 -12.75 3.42 1.91
N TYR A 237 -14.08 3.34 2.09
CA TYR A 237 -14.99 3.77 1.05
C TYR A 237 -14.78 5.16 0.59
N GLU A 238 -14.54 6.06 1.55
CA GLU A 238 -14.21 7.44 1.23
C GLU A 238 -12.92 7.52 0.36
N GLU A 239 -11.88 6.78 0.73
CA GLU A 239 -10.66 6.76 -0.07
C GLU A 239 -10.97 6.32 -1.45
N ILE A 240 -11.78 5.26 -1.59
CA ILE A 240 -12.12 4.76 -2.93
C ILE A 240 -12.87 5.84 -3.72
N SER A 241 -13.82 6.51 -3.09
CA SER A 241 -14.57 7.54 -3.75
C SER A 241 -13.67 8.68 -4.23
N GLN A 242 -12.74 9.10 -3.39
CA GLN A 242 -11.81 10.15 -3.76
C GLN A 242 -10.94 9.75 -4.95
N VAL A 243 -10.47 8.51 -4.97
CA VAL A 243 -9.67 8.04 -6.09
C VAL A 243 -10.47 8.05 -7.39
N GLU A 244 -11.73 7.66 -7.29
CA GLU A 244 -12.61 7.70 -8.43
C GLU A 244 -12.70 9.13 -9.00
N THR A 245 -12.79 10.14 -8.12
CA THR A 245 -12.83 11.52 -8.57
C THR A 245 -11.55 11.97 -9.27
N LEU A 246 -10.40 11.45 -8.86
CA LEU A 246 -9.15 11.77 -9.48
C LEU A 246 -9.10 11.15 -10.89
N ASN A 247 -9.93 10.17 -11.16
CA ASN A 247 -9.92 9.52 -12.47
C ASN A 247 -10.98 10.03 -13.42
N SER A 248 -11.54 11.18 -13.08
CA SER A 248 -12.29 11.96 -14.05
C SER A 248 -11.46 12.18 -15.31
N ASP A 249 -12.12 12.01 -16.44
CA ASP A 249 -11.48 12.03 -17.74
C ASP A 249 -10.33 11.02 -17.89
N ASN A 250 -10.35 9.91 -17.17
CA ASN A 250 -9.29 8.89 -17.23
C ASN A 250 -7.88 9.36 -16.82
N SER A 251 -7.81 10.48 -16.11
CA SER A 251 -6.57 11.13 -15.76
CA SER A 251 -6.54 11.10 -15.81
C SER A 251 -5.61 10.25 -14.96
N LEU A 252 -6.18 9.47 -14.04
CA LEU A 252 -5.36 8.57 -13.20
C LEU A 252 -4.91 7.33 -13.99
N GLU A 253 -5.80 6.75 -14.77
CA GLU A 253 -5.37 5.63 -15.62
C GLU A 253 -4.19 6.04 -16.49
N ILE A 254 -4.28 7.21 -17.08
CA ILE A 254 -3.23 7.77 -17.94
C ILE A 254 -1.93 8.01 -17.17
N LYS A 255 -2.03 8.63 -16.01
CA LYS A 255 -0.84 8.96 -15.28
C LYS A 255 -0.20 7.70 -14.73
N LEU A 256 -1.01 6.70 -14.36
CA LEU A 256 -0.41 5.42 -14.00
C LEU A 256 0.34 4.76 -15.18
N HIS A 257 -0.31 4.75 -16.32
CA HIS A 257 0.18 4.07 -17.52
C HIS A 257 1.47 4.74 -17.97
N SER A 258 1.41 6.05 -18.05
CA SER A 258 2.53 6.82 -18.52
CA SER A 258 2.55 6.81 -18.54
C SER A 258 3.74 6.71 -17.60
N THR A 259 3.52 6.85 -16.28
CA THR A 259 4.62 6.73 -15.32
C THR A 259 5.30 5.40 -15.42
N ILE A 260 4.52 4.34 -15.30
CA ILE A 260 5.04 2.97 -15.37
C ILE A 260 5.69 2.70 -16.72
N GLY A 261 5.02 3.09 -17.81
CA GLY A 261 5.61 2.94 -19.14
C GLY A 261 6.96 3.61 -19.26
N SER A 262 7.06 4.82 -18.73
CA SER A 262 8.25 5.67 -18.85
CA SER A 262 8.25 5.62 -18.92
C SER A 262 9.42 5.12 -18.06
N VAL A 263 9.17 4.74 -16.82
CA VAL A 263 10.23 4.15 -16.01
C VAL A 263 10.69 2.83 -16.61
N ALA A 264 9.76 2.05 -17.13
CA ALA A 264 10.05 0.70 -17.60
C ALA A 264 10.70 0.64 -18.97
N LYS A 265 10.63 1.73 -19.72
CA LYS A 265 10.81 1.66 -21.19
C LYS A 265 12.09 0.92 -21.57
N GLU A 266 13.23 1.43 -21.05
CA GLU A 266 14.53 0.95 -21.45
C GLU A 266 15.11 -0.02 -20.44
N LYS A 267 14.35 -0.32 -19.37
CA LYS A 267 14.70 -1.30 -18.33
C LYS A 267 14.40 -2.71 -18.81
N ASN A 268 15.00 -3.71 -18.15
CA ASN A 268 15.01 -5.09 -18.66
C ASN A 268 13.75 -5.89 -18.22
N TYR A 269 12.58 -5.34 -18.54
CA TYR A 269 11.30 -5.84 -18.06
C TYR A 269 10.32 -5.60 -19.17
N THR A 270 9.32 -6.47 -19.26
CA THR A 270 8.20 -6.17 -20.14
C THR A 270 6.91 -6.04 -19.33
N ILE A 271 6.02 -5.18 -19.79
CA ILE A 271 4.73 -5.09 -19.14
C ILE A 271 3.82 -6.08 -19.85
N ASN A 272 3.33 -7.07 -19.10
CA ASN A 272 2.35 -8.07 -19.59
C ASN A 272 0.96 -7.47 -19.44
N TYR A 273 0.58 -6.68 -20.43
CA TYR A 273 -0.74 -6.02 -20.49
C TYR A 273 -1.93 -6.97 -20.34
N GLU A 274 -1.69 -8.27 -20.57
CA GLU A 274 -2.74 -9.27 -20.42
C GLU A 274 -3.16 -9.25 -18.97
N THR A 275 -2.18 -9.51 -18.10
CA THR A 275 -2.42 -9.63 -16.68
C THR A 275 -2.06 -8.35 -15.91
N ASN A 276 -1.91 -7.22 -16.60
CA ASN A 276 -1.34 -5.99 -16.01
C ASN A 276 -0.32 -6.37 -14.95
N THR A 277 0.77 -6.96 -15.40
CA THR A 277 1.84 -7.34 -14.49
C THR A 277 3.18 -7.04 -15.17
N VAL A 278 4.22 -6.82 -14.36
CA VAL A 278 5.57 -6.57 -14.87
C VAL A 278 6.34 -7.87 -14.78
N GLU A 279 7.02 -8.26 -15.86
CA GLU A 279 7.89 -9.45 -15.82
C GLU A 279 9.33 -9.14 -16.22
N TYR A 280 10.26 -9.79 -15.54
CA TYR A 280 11.68 -9.71 -15.88
C TYR A 280 12.03 -10.34 -17.26
N GLU A 281 12.81 -9.61 -18.06
CA GLU A 281 13.32 -10.12 -19.33
C GLU A 281 14.75 -10.63 -19.19
#